data_9FA3
#
_entry.id   9FA3
#
_cell.length_a   52.806
_cell.length_b   74.744
_cell.length_c   68.419
_cell.angle_alpha   90.00
_cell.angle_beta   102.56
_cell.angle_gamma   90.00
#
_symmetry.space_group_name_H-M   'P 1 21 1'
#
loop_
_entity.id
_entity.type
_entity.pdbx_description
1 polymer 'Lysosomal acid glucosylceramidase'
2 branched 2-acetamido-2-deoxy-beta-D-glucopyranose-(1-4)-2-acetamido-2-deoxy-beta-D-glucopyranose
3 non-polymer 2-acetamido-2-deoxy-beta-D-glucopyranose
4 non-polymer 'POTASSIUM ION'
5 non-polymer 'SULFATE ION'
6 non-polymer ~{N}-(cyclopropylmethyl)benzenesulfonamide
7 water water
#
_entity_poly.entity_id   1
_entity_poly.type   'polypeptide(L)'
_entity_poly.pdbx_seq_one_letter_code
;MEFSSPSREECPKPLSRVSIMAGSLTGLLLLQAVSWASGARPCIPKSFGYSSVVCVCNATYCDSFDPPTFPALGTFSRYE
STRSGRRMELSMGPIQANHTGTGLLLTLQPEQKFQKVKGFGGAMTDAAALNILALSPPAQNLLLKSYFSEEGIGYNIIRV
PMASCDFSIRTYTYADTPDDFQLHNFSLPEEDTKLKIPLIHRALQLAQRPVSLLASPWTSPTWLKTNGAVNGKGSLKGQP
GDIYHQTWARYFVKFLDAYAEHKLQFWAVTAENEPSAGLLSGYPFQCLGFTPEHQRDFIARDLGPTLANSTHHNVRLLML
DDQRLLLPHWAKVVLTDPEAAKYVHGIAVHWYLDFLAPAKATLGETHRLFPNTMLFASEACVGSKFWEQSVRLGSWDRGM
QYSHSIITNLLYHVVGWTDWNLALNPEGGPNWVRNFVDSPIIVDITKDTFYKQPMFYHLGHFSKFIPEGSQRVGLVASQK
NDLDAVALMHPDGSAVVVVLNRSSKDVPLTIKDPAVGFLETISPGYSIHTYLWRRQHHHHHHHHHH
;
_entity_poly.pdbx_strand_id   A
#
loop_
_chem_comp.id
_chem_comp.type
_chem_comp.name
_chem_comp.formula
A1IBC non-polymer ~{N}-(cyclopropylmethyl)benzenesulfonamide 'C10 H13 N O2 S'
K non-polymer 'POTASSIUM ION' 'K 1'
NAG D-saccharide, beta linking 2-acetamido-2-deoxy-beta-D-glucopyranose 'C8 H15 N O6'
SO4 non-polymer 'SULFATE ION' 'O4 S -2'
#
# COMPACT_ATOMS: atom_id res chain seq x y z
N ALA A 40 22.63 -1.70 -11.65
CA ALA A 40 23.29 -2.97 -11.25
C ALA A 40 22.98 -4.03 -12.30
N ARG A 41 21.71 -4.38 -12.50
CA ARG A 41 21.31 -5.22 -13.64
CA ARG A 41 21.32 -5.21 -13.64
C ARG A 41 20.08 -4.58 -14.30
N PRO A 42 20.12 -4.39 -15.63
CA PRO A 42 18.99 -3.78 -16.33
C PRO A 42 17.79 -4.72 -16.54
N CYS A 43 16.64 -4.11 -16.80
CA CYS A 43 15.38 -4.80 -17.19
C CYS A 43 15.61 -5.65 -18.45
N ILE A 44 15.18 -6.91 -18.42
CA ILE A 44 14.99 -7.76 -19.60
C ILE A 44 13.55 -7.55 -20.04
N PRO A 45 13.29 -6.80 -21.09
CA PRO A 45 11.90 -6.53 -21.42
C PRO A 45 11.21 -7.65 -22.20
N LYS A 46 9.91 -7.80 -21.99
CA LYS A 46 9.09 -8.65 -22.78
C LYS A 46 7.74 -7.98 -23.01
N SER A 47 7.26 -8.03 -24.25
CA SER A 47 5.93 -7.55 -24.59
C SER A 47 4.93 -8.69 -24.69
N PHE A 48 3.72 -8.41 -24.19
CA PHE A 48 2.59 -9.32 -24.30
C PHE A 48 1.47 -8.67 -25.14
N GLY A 49 1.79 -7.62 -25.89
CA GLY A 49 0.86 -6.97 -26.81
C GLY A 49 0.08 -5.83 -26.16
N TYR A 50 0.40 -5.49 -24.93
CA TYR A 50 -0.16 -4.30 -24.26
C TYR A 50 0.72 -3.09 -24.58
N SER A 51 0.48 -1.95 -23.93
CA SER A 51 1.11 -0.69 -24.38
C SER A 51 2.60 -0.66 -24.04
N SER A 52 3.04 -1.45 -23.08
CA SER A 52 4.44 -1.40 -22.67
C SER A 52 4.92 -2.82 -22.33
N VAL A 53 6.03 -2.90 -21.64
CA VAL A 53 6.71 -4.18 -21.43
C VAL A 53 6.70 -4.50 -19.93
N VAL A 54 6.88 -5.79 -19.66
CA VAL A 54 7.22 -6.26 -18.34
C VAL A 54 8.72 -6.49 -18.33
N CYS A 55 9.27 -6.55 -17.13
CA CYS A 55 10.64 -6.99 -16.92
C CYS A 55 10.62 -8.44 -16.43
N VAL A 56 11.42 -9.29 -17.07
CA VAL A 56 11.36 -10.72 -16.84
C VAL A 56 12.46 -11.09 -15.87
N CYS A 57 12.10 -11.79 -14.80
CA CYS A 57 13.03 -12.24 -13.81
C CYS A 57 12.89 -13.76 -13.65
N ASN A 58 13.95 -14.42 -13.24
CA ASN A 58 13.88 -15.88 -13.14
C ASN A 58 14.92 -16.32 -12.09
N ALA A 59 15.36 -17.57 -12.15
CA ALA A 59 16.21 -18.10 -11.10
C ALA A 59 17.62 -17.53 -11.18
N THR A 60 18.07 -16.95 -12.29
CA THR A 60 19.45 -16.52 -12.41
C THR A 60 19.54 -15.03 -12.77
N TYR A 61 18.42 -14.34 -12.87
CA TYR A 61 18.47 -12.99 -13.35
C TYR A 61 17.28 -12.19 -12.85
N CYS A 62 17.57 -11.02 -12.31
CA CYS A 62 16.54 -10.04 -12.11
C CYS A 62 17.16 -8.65 -12.15
N ASP A 63 16.40 -7.67 -12.59
CA ASP A 63 16.89 -6.30 -12.61
C ASP A 63 17.02 -5.80 -11.21
N SER A 64 18.06 -5.01 -10.97
CA SER A 64 18.32 -4.53 -9.64
C SER A 64 19.09 -3.23 -9.72
N PHE A 65 19.08 -2.49 -8.63
CA PHE A 65 19.86 -1.28 -8.54
C PHE A 65 21.19 -1.50 -7.82
N ASP A 66 22.12 -0.58 -8.04
CA ASP A 66 23.29 -0.54 -7.17
C ASP A 66 22.87 -0.15 -5.76
N PRO A 67 23.73 -0.38 -4.76
CA PRO A 67 23.46 0.17 -3.44
C PRO A 67 23.15 1.68 -3.55
N PRO A 68 22.14 2.15 -2.82
CA PRO A 68 21.74 3.54 -2.96
C PRO A 68 22.85 4.51 -2.53
N THR A 69 23.09 5.52 -3.36
CA THR A 69 24.01 6.61 -3.04
CA THR A 69 24.01 6.62 -3.04
C THR A 69 23.44 7.92 -3.59
N PHE A 70 23.59 8.99 -2.82
CA PHE A 70 23.11 10.29 -3.29
C PHE A 70 24.06 10.88 -4.32
N PRO A 71 23.52 11.69 -5.23
CA PRO A 71 24.39 12.45 -6.12
C PRO A 71 25.25 13.45 -5.34
N ALA A 72 26.37 13.83 -5.93
CA ALA A 72 27.27 14.84 -5.32
C ALA A 72 26.47 16.13 -5.01
N LEU A 73 26.73 16.76 -3.87
CA LEU A 73 26.12 18.08 -3.58
C LEU A 73 26.37 18.99 -4.78
N GLY A 74 25.34 19.69 -5.26
CA GLY A 74 25.45 20.43 -6.55
C GLY A 74 25.03 19.62 -7.78
N THR A 75 24.69 18.35 -7.55
CA THR A 75 24.26 17.42 -8.57
C THR A 75 22.86 16.89 -8.22
N PHE A 76 22.04 16.58 -9.20
CA PHE A 76 20.80 15.81 -8.89
C PHE A 76 20.80 14.47 -9.61
N SER A 77 20.06 13.52 -9.05
CA SER A 77 19.75 12.23 -9.67
C SER A 77 18.32 12.23 -10.26
N ARG A 78 18.16 11.62 -11.41
CA ARG A 78 16.90 11.44 -12.07
C ARG A 78 16.74 9.96 -12.37
N TYR A 79 15.66 9.39 -11.89
CA TYR A 79 15.28 8.04 -12.24
C TYR A 79 14.07 8.12 -13.17
N GLU A 80 14.16 7.47 -14.32
CA GLU A 80 13.15 7.64 -15.34
C GLU A 80 12.55 6.29 -15.75
N SER A 81 11.22 6.23 -15.78
CA SER A 81 10.55 5.09 -16.45
C SER A 81 9.65 5.63 -17.56
N THR A 82 9.54 4.92 -18.66
CA THR A 82 8.74 5.40 -19.80
C THR A 82 7.96 4.24 -20.39
N ARG A 83 6.84 4.58 -21.01
CA ARG A 83 6.06 3.59 -21.75
C ARG A 83 6.93 2.91 -22.84
N SER A 84 7.77 3.71 -23.48
CA SER A 84 8.66 3.21 -24.51
C SER A 84 9.67 2.18 -23.98
N GLY A 85 9.82 2.03 -22.67
CA GLY A 85 10.45 0.86 -22.09
C GLY A 85 11.52 1.15 -21.05
N ARG A 86 11.85 2.42 -20.78
CA ARG A 86 12.86 2.68 -19.75
C ARG A 86 12.27 2.29 -18.39
N ARG A 87 13.09 1.66 -17.54
CA ARG A 87 12.65 1.21 -16.21
C ARG A 87 13.62 1.72 -15.13
N MET A 88 13.19 2.80 -14.48
CA MET A 88 13.91 3.44 -13.36
CA MET A 88 13.91 3.46 -13.37
C MET A 88 15.40 3.60 -13.70
N GLU A 89 15.67 4.10 -14.91
CA GLU A 89 17.03 4.35 -15.37
C GLU A 89 17.59 5.62 -14.73
N LEU A 90 18.83 5.55 -14.27
CA LEU A 90 19.48 6.63 -13.54
C LEU A 90 20.28 7.54 -14.49
N SER A 91 20.05 8.83 -14.38
CA SER A 91 20.92 9.84 -14.97
C SER A 91 21.17 10.93 -13.93
N MET A 92 22.27 11.65 -14.07
CA MET A 92 22.55 12.77 -13.17
C MET A 92 22.69 14.05 -13.99
N GLY A 93 22.48 15.17 -13.30
CA GLY A 93 22.59 16.48 -13.89
C GLY A 93 23.02 17.51 -12.85
N PRO A 94 23.41 18.69 -13.31
CA PRO A 94 23.87 19.77 -12.47
C PRO A 94 22.69 20.57 -11.94
N ILE A 95 22.84 21.06 -10.73
CA ILE A 95 21.96 22.05 -10.20
C ILE A 95 22.58 23.41 -10.53
N GLN A 96 21.83 24.27 -11.19
CA GLN A 96 22.37 25.47 -11.79
C GLN A 96 21.99 26.70 -10.95
N ALA A 97 22.89 27.67 -10.87
CA ALA A 97 22.63 28.89 -10.10
C ALA A 97 21.53 29.73 -10.78
N ASN A 98 21.44 29.67 -12.09
CA ASN A 98 20.65 30.63 -12.87
C ASN A 98 19.58 29.95 -13.71
N HIS A 99 18.52 30.69 -14.00
CA HIS A 99 17.46 30.27 -14.93
C HIS A 99 16.82 31.46 -15.64
N THR A 100 16.67 31.33 -16.96
CA THR A 100 15.89 32.27 -17.78
C THR A 100 14.80 31.52 -18.56
N GLY A 101 13.75 32.22 -18.99
CA GLY A 101 12.70 31.58 -19.81
C GLY A 101 11.32 31.71 -19.19
N THR A 102 10.29 31.48 -20.01
CA THR A 102 8.90 31.51 -19.55
C THR A 102 8.33 30.08 -19.61
N GLY A 103 9.21 29.09 -19.53
CA GLY A 103 8.78 27.72 -19.44
C GLY A 103 8.22 27.41 -18.06
N LEU A 104 7.62 26.25 -17.97
CA LEU A 104 7.03 25.79 -16.71
C LEU A 104 8.12 25.70 -15.62
N LEU A 105 7.81 26.34 -14.48
CA LEU A 105 8.66 26.30 -13.31
C LEU A 105 7.86 25.73 -12.14
N LEU A 106 8.38 24.69 -11.53
CA LEU A 106 7.86 24.15 -10.26
C LEU A 106 8.79 24.59 -9.14
N THR A 107 8.30 25.42 -8.21
CA THR A 107 9.14 25.92 -7.16
C THR A 107 8.84 25.18 -5.86
N LEU A 108 9.89 24.56 -5.34
CA LEU A 108 9.85 23.86 -4.08
C LEU A 108 9.51 24.87 -2.99
N GLN A 109 8.68 24.42 -2.04
CA GLN A 109 8.29 25.22 -0.88
C GLN A 109 8.72 24.40 0.34
N PRO A 110 10.02 24.34 0.59
CA PRO A 110 10.54 23.42 1.61
C PRO A 110 10.07 23.74 3.02
N GLU A 111 9.60 24.97 3.30
CA GLU A 111 9.14 25.28 4.65
C GLU A 111 7.62 25.19 4.75
N GLN A 112 6.95 24.92 3.66
CA GLN A 112 5.52 24.66 3.70
C GLN A 112 5.36 23.15 3.90
N LYS A 113 5.12 22.74 5.14
CA LYS A 113 5.15 21.35 5.54
C LYS A 113 3.75 20.75 5.65
N PHE A 114 3.59 19.55 5.17
CA PHE A 114 2.33 18.83 5.27
C PHE A 114 2.55 17.57 6.10
N GLN A 115 2.07 16.42 5.63
CA GLN A 115 2.07 15.21 6.47
C GLN A 115 3.44 14.53 6.47
N LYS A 116 3.76 13.82 7.56
CA LYS A 116 4.85 12.84 7.58
C LYS A 116 4.37 11.53 6.97
N VAL A 117 5.28 10.83 6.30
CA VAL A 117 4.99 9.60 5.59
C VAL A 117 5.40 8.39 6.44
N LYS A 118 4.47 7.47 6.54
CA LYS A 118 4.68 6.20 7.20
C LYS A 118 5.41 5.26 6.24
N GLY A 119 4.94 5.18 5.01
CA GLY A 119 5.64 4.35 4.01
C GLY A 119 4.73 3.69 3.01
N PHE A 120 5.27 2.63 2.36
CA PHE A 120 4.69 1.98 1.21
C PHE A 120 4.90 0.48 1.35
N GLY A 121 3.94 -0.25 0.87
CA GLY A 121 4.14 -1.71 0.82
C GLY A 121 3.01 -2.41 0.15
N GLY A 122 2.77 -3.64 0.57
CA GLY A 122 1.76 -4.50 -0.07
C GLY A 122 1.32 -5.60 0.86
N ALA A 123 0.43 -6.47 0.38
CA ALA A 123 -0.25 -7.47 1.26
C ALA A 123 0.31 -8.88 1.03
N MET A 124 0.65 -9.51 2.15
CA MET A 124 1.03 -10.93 2.19
C MET A 124 -0.22 -11.77 2.42
N THR A 125 -1.06 -11.86 1.40
CA THR A 125 -2.19 -12.75 1.42
C THR A 125 -1.77 -14.22 1.24
N ASP A 126 -2.72 -15.12 1.48
CA ASP A 126 -2.43 -16.52 1.23
C ASP A 126 -2.03 -16.72 -0.26
N ALA A 127 -2.71 -16.01 -1.15
CA ALA A 127 -2.45 -16.14 -2.59
C ALA A 127 -1.02 -15.65 -2.90
N ALA A 128 -0.63 -14.52 -2.35
CA ALA A 128 0.72 -14.00 -2.59
C ALA A 128 1.76 -15.01 -2.09
N ALA A 129 1.57 -15.50 -0.88
CA ALA A 129 2.50 -16.43 -0.27
C ALA A 129 2.61 -17.70 -1.14
N LEU A 130 1.48 -18.25 -1.55
CA LEU A 130 1.49 -19.48 -2.39
C LEU A 130 2.22 -19.21 -3.71
N ASN A 131 1.98 -18.07 -4.31
CA ASN A 131 2.65 -17.79 -5.58
C ASN A 131 4.15 -17.59 -5.37
N ILE A 132 4.55 -16.89 -4.33
CA ILE A 132 5.98 -16.70 -4.10
C ILE A 132 6.64 -18.05 -3.85
N LEU A 133 6.05 -18.87 -2.98
CA LEU A 133 6.70 -20.13 -2.61
C LEU A 133 6.62 -21.20 -3.70
N ALA A 134 5.82 -20.99 -4.77
CA ALA A 134 5.78 -21.88 -5.92
C ALA A 134 6.99 -21.66 -6.84
N LEU A 135 7.67 -20.52 -6.67
CA LEU A 135 8.94 -20.30 -7.34
C LEU A 135 10.05 -21.12 -6.70
N SER A 136 11.09 -21.34 -7.48
CA SER A 136 12.34 -21.95 -6.96
C SER A 136 12.94 -21.01 -5.89
N PRO A 137 13.66 -21.59 -4.93
CA PRO A 137 14.35 -20.71 -3.94
C PRO A 137 15.12 -19.49 -4.47
N PRO A 138 15.93 -19.62 -5.51
CA PRO A 138 16.57 -18.46 -6.10
C PRO A 138 15.58 -17.41 -6.63
N ALA A 139 14.56 -17.84 -7.35
CA ALA A 139 13.59 -16.89 -7.86
C ALA A 139 12.79 -16.24 -6.70
N GLN A 140 12.49 -17.02 -5.67
CA GLN A 140 11.80 -16.45 -4.49
C GLN A 140 12.62 -15.31 -3.90
N ASN A 141 13.92 -15.54 -3.76
CA ASN A 141 14.85 -14.54 -3.19
C ASN A 141 14.87 -13.28 -4.05
N LEU A 142 14.96 -13.44 -5.36
CA LEU A 142 15.02 -12.28 -6.23
C LEU A 142 13.70 -11.52 -6.21
N LEU A 143 12.56 -12.23 -6.05
CA LEU A 143 11.29 -11.55 -5.95
C LEU A 143 11.24 -10.73 -4.64
N LEU A 144 11.60 -11.37 -3.53
CA LEU A 144 11.54 -10.65 -2.26
C LEU A 144 12.56 -9.50 -2.25
N LYS A 145 13.74 -9.68 -2.84
CA LYS A 145 14.73 -8.59 -2.93
C LYS A 145 14.15 -7.43 -3.76
N SER A 146 13.38 -7.74 -4.78
CA SER A 146 12.81 -6.72 -5.63
C SER A 146 11.96 -5.74 -4.82
N TYR A 147 11.24 -6.29 -3.87
CA TYR A 147 10.36 -5.48 -3.10
C TYR A 147 11.04 -4.88 -1.87
N PHE A 148 11.88 -5.64 -1.16
CA PHE A 148 12.23 -5.28 0.24
C PHE A 148 13.67 -4.81 0.40
N SER A 149 14.56 -5.08 -0.54
CA SER A 149 15.92 -4.70 -0.32
C SER A 149 16.19 -3.32 -0.95
N GLU A 150 17.33 -2.76 -0.57
CA GLU A 150 17.85 -1.51 -1.13
C GLU A 150 18.28 -1.70 -2.59
N GLU A 151 18.47 -2.94 -3.03
CA GLU A 151 18.71 -3.22 -4.47
C GLU A 151 17.37 -3.35 -5.21
N GLY A 152 16.27 -3.25 -4.49
CA GLY A 152 14.94 -3.20 -5.06
C GLY A 152 14.24 -1.90 -4.68
N ILE A 153 12.96 -1.94 -4.37
CA ILE A 153 12.20 -0.66 -4.25
C ILE A 153 11.87 -0.32 -2.79
N GLY A 154 12.46 -1.03 -1.82
CA GLY A 154 12.49 -0.54 -0.40
C GLY A 154 11.14 -0.49 0.28
N TYR A 155 10.22 -1.43 0.03
CA TYR A 155 8.97 -1.52 0.79
C TYR A 155 9.26 -1.59 2.29
N ASN A 156 8.42 -0.91 3.08
CA ASN A 156 8.55 -0.96 4.53
C ASN A 156 7.21 -1.23 5.21
N ILE A 157 6.18 -1.65 4.48
CA ILE A 157 4.90 -2.04 5.08
C ILE A 157 4.49 -3.39 4.50
N ILE A 158 4.04 -4.25 5.37
CA ILE A 158 3.37 -5.49 4.93
C ILE A 158 2.01 -5.62 5.62
N ARG A 159 0.96 -5.73 4.83
CA ARG A 159 -0.39 -5.97 5.38
C ARG A 159 -0.62 -7.48 5.44
N VAL A 160 -1.07 -7.95 6.57
CA VAL A 160 -1.26 -9.37 6.91
C VAL A 160 -2.74 -9.62 7.21
N PRO A 161 -3.44 -10.35 6.37
CA PRO A 161 -4.80 -10.76 6.73
C PRO A 161 -4.80 -11.61 8.00
N MET A 162 -5.78 -11.36 8.86
CA MET A 162 -6.05 -12.21 10.00
C MET A 162 -6.98 -13.34 9.54
N ALA A 163 -6.34 -14.49 9.26
CA ALA A 163 -6.97 -15.68 8.71
C ALA A 163 -7.39 -15.46 7.24
N SER A 164 -8.45 -16.11 6.77
CA SER A 164 -8.70 -16.24 5.34
C SER A 164 -9.39 -15.01 4.77
N CYS A 165 -9.15 -14.80 3.48
CA CYS A 165 -9.91 -13.81 2.73
C CYS A 165 -10.26 -14.36 1.34
N ASP A 166 -10.64 -13.51 0.39
CA ASP A 166 -10.93 -13.97 -0.97
C ASP A 166 -9.66 -14.55 -1.64
N PHE A 167 -8.51 -13.93 -1.36
CA PHE A 167 -7.19 -14.35 -1.86
C PHE A 167 -6.62 -15.44 -0.96
N SER A 168 -7.44 -16.48 -0.81
CA SER A 168 -7.14 -17.68 -0.06
C SER A 168 -7.76 -18.83 -0.85
N ILE A 169 -7.25 -20.04 -0.67
CA ILE A 169 -7.81 -21.20 -1.33
C ILE A 169 -8.62 -22.05 -0.35
N ARG A 170 -8.53 -21.73 0.94
CA ARG A 170 -9.22 -22.45 2.00
C ARG A 170 -9.90 -21.39 2.86
N THR A 171 -11.11 -21.67 3.34
CA THR A 171 -11.77 -20.77 4.21
C THR A 171 -11.57 -21.32 5.63
N TYR A 172 -11.08 -20.44 6.49
CA TYR A 172 -10.76 -20.81 7.88
C TYR A 172 -10.70 -19.52 8.69
N THR A 173 -10.90 -19.67 9.99
CA THR A 173 -10.51 -18.65 10.95
C THR A 173 -9.55 -19.31 11.93
N TYR A 174 -9.04 -18.55 12.88
CA TYR A 174 -8.13 -19.08 13.89
C TYR A 174 -8.89 -19.77 15.04
N ALA A 175 -10.21 -19.71 15.07
CA ALA A 175 -10.98 -20.23 16.20
C ALA A 175 -12.32 -20.85 15.73
N ASP A 176 -12.21 -21.86 14.88
CA ASP A 176 -13.38 -22.45 14.24
C ASP A 176 -14.16 -23.41 15.13
N THR A 177 -13.55 -23.89 16.20
CA THR A 177 -14.26 -24.68 17.20
C THR A 177 -15.35 -23.81 17.87
N PRO A 178 -16.65 -24.18 17.71
CA PRO A 178 -17.72 -23.35 18.27
C PRO A 178 -17.83 -23.25 19.80
N ASP A 179 -18.38 -22.09 20.20
CA ASP A 179 -18.62 -21.68 21.56
C ASP A 179 -17.40 -21.64 22.50
N ASP A 180 -16.22 -21.47 21.88
CA ASP A 180 -14.96 -21.31 22.59
C ASP A 180 -14.76 -19.85 22.96
N PHE A 181 -15.56 -19.33 23.88
CA PHE A 181 -15.57 -17.88 24.12
C PHE A 181 -14.27 -17.41 24.76
N GLN A 182 -13.56 -18.29 25.49
CA GLN A 182 -12.28 -17.88 26.06
C GLN A 182 -11.14 -18.15 25.07
N LEU A 183 -11.46 -18.73 23.90
CA LEU A 183 -10.51 -18.92 22.76
C LEU A 183 -9.31 -19.78 23.18
N HIS A 184 -9.60 -20.81 23.96
CA HIS A 184 -8.57 -21.76 24.32
C HIS A 184 -8.04 -22.52 23.10
N ASN A 185 -8.88 -22.72 22.07
CA ASN A 185 -8.50 -23.46 20.84
C ASN A 185 -8.09 -22.49 19.72
N PHE A 186 -7.79 -21.24 20.05
CA PHE A 186 -7.22 -20.32 19.07
C PHE A 186 -5.83 -20.83 18.65
N SER A 187 -5.56 -20.94 17.33
CA SER A 187 -4.24 -21.34 16.89
C SER A 187 -4.03 -20.93 15.44
N LEU A 188 -2.76 -20.75 15.09
CA LEU A 188 -2.38 -20.40 13.74
C LEU A 188 -2.21 -21.69 12.95
N PRO A 189 -2.85 -21.75 11.78
CA PRO A 189 -2.64 -22.90 10.91
C PRO A 189 -1.39 -22.73 10.04
N GLU A 190 -1.16 -23.73 9.20
CA GLU A 190 0.02 -23.75 8.36
C GLU A 190 0.03 -22.55 7.40
N GLU A 191 -1.14 -22.02 6.96
CA GLU A 191 -1.10 -20.84 6.09
C GLU A 191 -0.23 -19.74 6.74
N ASP A 192 -0.29 -19.63 8.06
CA ASP A 192 0.54 -18.68 8.78
C ASP A 192 1.92 -19.25 9.11
N THR A 193 1.97 -20.41 9.74
CA THR A 193 3.22 -20.87 10.34
C THR A 193 4.20 -21.39 9.29
N LYS A 194 3.71 -21.86 8.15
CA LYS A 194 4.58 -22.45 7.14
C LYS A 194 4.72 -21.53 5.92
N LEU A 195 3.75 -20.65 5.66
CA LEU A 195 3.77 -19.82 4.46
C LEU A 195 3.99 -18.35 4.81
N LYS A 196 3.02 -17.70 5.46
CA LYS A 196 3.11 -16.27 5.60
C LYS A 196 4.24 -15.85 6.53
N ILE A 197 4.40 -16.51 7.67
CA ILE A 197 5.32 -16.03 8.67
C ILE A 197 6.77 -16.21 8.21
N PRO A 198 7.15 -17.39 7.70
CA PRO A 198 8.51 -17.47 7.16
C PRO A 198 8.84 -16.47 6.06
N LEU A 199 7.88 -16.18 5.18
CA LEU A 199 8.14 -15.18 4.15
C LEU A 199 8.30 -13.80 4.77
N ILE A 200 7.50 -13.46 5.77
CA ILE A 200 7.62 -12.14 6.38
C ILE A 200 9.01 -12.07 7.01
N HIS A 201 9.44 -13.12 7.70
CA HIS A 201 10.80 -13.11 8.30
C HIS A 201 11.87 -12.93 7.22
N ARG A 202 11.69 -13.55 6.07
CA ARG A 202 12.67 -13.41 4.99
C ARG A 202 12.65 -11.97 4.46
N ALA A 203 11.49 -11.35 4.32
CA ALA A 203 11.43 -9.95 3.84
C ALA A 203 12.18 -9.05 4.83
N LEU A 204 11.98 -9.26 6.12
CA LEU A 204 12.55 -8.43 7.16
C LEU A 204 14.07 -8.59 7.15
N GLN A 205 14.58 -9.78 6.85
CA GLN A 205 16.04 -10.00 6.79
C GLN A 205 16.63 -9.20 5.63
N LEU A 206 15.89 -9.10 4.53
CA LEU A 206 16.42 -8.43 3.33
C LEU A 206 16.35 -6.91 3.48
N ALA A 207 15.42 -6.45 4.30
CA ALA A 207 15.18 -5.03 4.45
C ALA A 207 16.24 -4.37 5.34
N GLN A 208 16.72 -3.21 4.88
CA GLN A 208 17.51 -2.32 5.73
C GLN A 208 16.58 -1.27 6.38
N ARG A 209 15.46 -0.96 5.76
CA ARG A 209 14.47 -0.10 6.45
C ARG A 209 13.68 -0.95 7.44
N PRO A 210 13.36 -0.39 8.63
CA PRO A 210 12.44 -1.08 9.53
C PRO A 210 11.10 -1.30 8.84
N VAL A 211 10.57 -2.52 8.95
CA VAL A 211 9.33 -2.86 8.29
C VAL A 211 8.21 -2.82 9.33
N SER A 212 7.08 -2.24 8.96
CA SER A 212 5.89 -2.16 9.80
C SER A 212 4.82 -3.13 9.28
N LEU A 213 4.24 -3.91 10.19
CA LEU A 213 3.19 -4.86 9.81
C LEU A 213 1.83 -4.27 10.19
N LEU A 214 0.85 -4.49 9.33
CA LEU A 214 -0.53 -4.07 9.54
C LEU A 214 -1.44 -5.29 9.41
N ALA A 215 -2.31 -5.52 10.37
CA ALA A 215 -3.19 -6.68 10.33
C ALA A 215 -4.64 -6.26 10.15
N SER A 216 -5.39 -7.05 9.40
CA SER A 216 -6.78 -6.75 9.13
C SER A 216 -7.56 -8.06 9.08
N PRO A 217 -8.66 -8.17 9.81
CA PRO A 217 -9.51 -9.34 9.63
C PRO A 217 -10.64 -9.17 8.60
N TRP A 218 -11.02 -10.26 7.94
CA TRP A 218 -12.16 -10.26 7.04
C TRP A 218 -13.41 -10.80 7.76
N THR A 219 -13.30 -11.96 8.39
CA THR A 219 -14.45 -12.52 9.11
C THR A 219 -13.98 -13.02 10.47
N SER A 220 -14.94 -13.07 11.38
CA SER A 220 -14.81 -13.74 12.64
C SER A 220 -15.19 -15.20 12.48
N PRO A 221 -14.89 -16.04 13.48
CA PRO A 221 -15.50 -17.35 13.51
C PRO A 221 -17.03 -17.28 13.29
N THR A 222 -17.61 -18.27 12.64
CA THR A 222 -19.00 -18.17 12.20
C THR A 222 -19.94 -18.23 13.41
N TRP A 223 -19.51 -18.87 14.51
CA TRP A 223 -20.36 -19.01 15.69
C TRP A 223 -20.49 -17.68 16.46
N LEU A 224 -19.74 -16.65 16.07
CA LEU A 224 -19.94 -15.29 16.61
C LEU A 224 -20.86 -14.47 15.69
N LYS A 225 -21.32 -15.00 14.57
CA LYS A 225 -22.00 -14.15 13.57
C LYS A 225 -23.49 -14.50 13.46
N THR A 226 -24.29 -13.45 13.20
CA THR A 226 -25.75 -13.57 13.08
C THR A 226 -26.17 -14.56 11.99
N ASN A 227 -25.37 -14.74 10.94
CA ASN A 227 -25.79 -15.60 9.81
C ASN A 227 -25.08 -16.96 9.84
N GLY A 228 -24.12 -17.15 10.73
CA GLY A 228 -23.43 -18.42 10.90
C GLY A 228 -22.67 -18.88 9.66
N ALA A 229 -22.18 -17.94 8.86
CA ALA A 229 -21.44 -18.23 7.64
C ALA A 229 -20.32 -17.20 7.49
N VAL A 230 -19.26 -17.56 6.77
CA VAL A 230 -18.11 -16.65 6.62
C VAL A 230 -18.47 -15.48 5.70
N ASN A 231 -19.42 -15.69 4.80
CA ASN A 231 -19.81 -14.68 3.79
C ASN A 231 -21.30 -14.37 3.93
N GLY A 232 -21.89 -13.67 2.97
CA GLY A 232 -23.27 -13.24 3.10
C GLY A 232 -23.41 -12.06 4.05
N LYS A 233 -24.62 -11.60 4.16
CA LYS A 233 -24.95 -10.52 5.07
C LYS A 233 -24.91 -11.07 6.51
N GLY A 234 -24.05 -10.49 7.33
CA GLY A 234 -24.05 -10.80 8.74
C GLY A 234 -23.01 -10.01 9.51
N SER A 235 -23.28 -9.89 10.78
CA SER A 235 -22.54 -9.07 11.73
C SER A 235 -22.28 -9.92 12.97
N LEU A 236 -21.50 -9.41 13.91
CA LEU A 236 -21.44 -10.05 15.22
C LEU A 236 -22.83 -10.09 15.83
N LYS A 237 -23.07 -11.18 16.55
CA LYS A 237 -24.26 -11.32 17.34
C LYS A 237 -24.21 -10.34 18.51
N GLY A 238 -25.40 -10.00 18.97
CA GLY A 238 -25.57 -9.17 20.14
C GLY A 238 -25.18 -7.72 19.89
N GLN A 239 -24.55 -7.14 20.89
CA GLN A 239 -24.28 -5.72 20.91
CA GLN A 239 -24.27 -5.71 20.88
C GLN A 239 -22.90 -5.48 21.52
N PRO A 240 -22.20 -4.43 21.08
CA PRO A 240 -20.93 -4.10 21.71
C PRO A 240 -21.03 -4.12 23.24
N GLY A 241 -19.96 -4.66 23.86
CA GLY A 241 -19.87 -4.80 25.30
C GLY A 241 -20.34 -6.17 25.76
N ASP A 242 -20.88 -6.99 24.87
CA ASP A 242 -21.37 -8.30 25.30
C ASP A 242 -20.34 -9.40 25.02
N ILE A 243 -20.66 -10.62 25.37
CA ILE A 243 -19.74 -11.75 25.23
C ILE A 243 -19.24 -11.93 23.79
N TYR A 244 -20.11 -11.76 22.80
CA TYR A 244 -19.70 -11.98 21.42
C TYR A 244 -18.62 -10.97 21.03
N HIS A 245 -18.86 -9.71 21.39
CA HIS A 245 -17.97 -8.59 21.03
C HIS A 245 -16.68 -8.67 21.84
N GLN A 246 -16.79 -9.02 23.12
CA GLN A 246 -15.60 -9.20 23.94
C GLN A 246 -14.72 -10.33 23.38
N THR A 247 -15.35 -11.39 22.88
CA THR A 247 -14.62 -12.53 22.36
C THR A 247 -13.89 -12.08 21.10
N TRP A 248 -14.61 -11.35 20.26
CA TRP A 248 -14.01 -10.87 19.02
C TRP A 248 -12.81 -9.97 19.33
N ALA A 249 -12.95 -9.05 20.27
CA ALA A 249 -11.81 -8.20 20.64
C ALA A 249 -10.65 -9.06 21.16
N ARG A 250 -10.95 -10.08 21.95
CA ARG A 250 -9.91 -10.96 22.50
C ARG A 250 -9.20 -11.71 21.36
N TYR A 251 -9.91 -11.98 20.29
CA TYR A 251 -9.31 -12.68 19.15
C TYR A 251 -8.19 -11.84 18.56
N PHE A 252 -8.35 -10.53 18.52
CA PHE A 252 -7.28 -9.67 18.05
C PHE A 252 -6.03 -9.82 18.93
N VAL A 253 -6.19 -9.80 20.24
CA VAL A 253 -5.04 -9.95 21.14
C VAL A 253 -4.41 -11.34 21.00
N LYS A 254 -5.23 -12.39 20.85
CA LYS A 254 -4.72 -13.75 20.59
C LYS A 254 -3.87 -13.79 19.32
N PHE A 255 -4.34 -13.12 18.27
CA PHE A 255 -3.60 -13.03 17.01
C PHE A 255 -2.24 -12.39 17.26
N LEU A 256 -2.25 -11.24 17.94
CA LEU A 256 -1.01 -10.51 18.17
C LEU A 256 -0.09 -11.33 19.08
N ASP A 257 -0.64 -11.98 20.09
CA ASP A 257 0.15 -12.90 20.91
C ASP A 257 0.80 -14.04 20.11
N ALA A 258 0.06 -14.60 19.19
CA ALA A 258 0.53 -15.75 18.40
C ALA A 258 1.66 -15.33 17.46
N TYR A 259 1.47 -14.20 16.78
CA TYR A 259 2.53 -13.67 15.92
C TYR A 259 3.76 -13.28 16.77
N ALA A 260 3.55 -12.75 17.97
CA ALA A 260 4.66 -12.36 18.88
C ALA A 260 5.49 -13.58 19.28
N GLU A 261 4.85 -14.74 19.44
CA GLU A 261 5.59 -15.98 19.72
C GLU A 261 6.50 -16.32 18.53
N HIS A 262 6.13 -15.87 17.32
CA HIS A 262 7.02 -16.02 16.16
C HIS A 262 7.92 -14.80 15.97
N LYS A 263 8.03 -13.92 16.97
CA LYS A 263 8.95 -12.78 16.96
C LYS A 263 8.52 -11.76 15.90
N LEU A 264 7.21 -11.63 15.68
CA LEU A 264 6.67 -10.56 14.80
C LEU A 264 5.76 -9.64 15.61
N GLN A 265 6.01 -8.35 15.53
CA GLN A 265 5.19 -7.34 16.21
C GLN A 265 4.52 -6.46 15.17
N PHE A 266 3.34 -5.95 15.49
CA PHE A 266 2.57 -5.17 14.54
C PHE A 266 2.66 -3.66 14.86
N TRP A 267 2.65 -2.88 13.81
CA TRP A 267 2.55 -1.42 13.93
C TRP A 267 1.08 -1.03 14.16
N ALA A 268 0.16 -1.65 13.43
CA ALA A 268 -1.24 -1.29 13.50
C ALA A 268 -2.11 -2.48 13.12
N VAL A 269 -3.37 -2.38 13.54
CA VAL A 269 -4.45 -3.27 13.12
C VAL A 269 -5.59 -2.38 12.62
N THR A 270 -6.38 -2.90 11.70
CA THR A 270 -7.60 -2.23 11.36
C THR A 270 -8.75 -2.89 12.09
N ALA A 271 -9.83 -2.14 12.28
CA ALA A 271 -10.94 -2.65 13.09
C ALA A 271 -11.77 -3.70 12.34
N GLU A 272 -11.65 -3.81 11.03
CA GLU A 272 -12.34 -4.76 10.15
C GLU A 272 -12.03 -4.36 8.70
N ASN A 273 -11.67 -5.33 7.89
CA ASN A 273 -11.59 -5.07 6.44
C ASN A 273 -13.00 -4.81 5.88
N GLU A 274 -13.20 -3.66 5.23
CA GLU A 274 -14.41 -3.39 4.47
C GLU A 274 -15.67 -3.73 5.26
N PRO A 275 -15.84 -3.05 6.40
CA PRO A 275 -17.03 -3.28 7.25
C PRO A 275 -18.37 -3.10 6.53
N SER A 276 -18.45 -2.23 5.53
CA SER A 276 -19.68 -2.03 4.79
C SER A 276 -20.07 -3.30 4.02
N ALA A 277 -19.12 -4.18 3.67
CA ALA A 277 -19.42 -5.31 2.79
C ALA A 277 -20.39 -6.29 3.45
N GLY A 278 -20.22 -6.52 4.75
CA GLY A 278 -21.05 -7.50 5.48
C GLY A 278 -22.47 -7.03 5.72
N LEU A 279 -22.79 -5.79 5.31
CA LEU A 279 -24.16 -5.30 5.35
C LEU A 279 -24.92 -5.67 4.07
N LEU A 280 -24.26 -6.28 3.08
CA LEU A 280 -24.86 -6.48 1.77
C LEU A 280 -25.34 -7.93 1.61
N SER A 281 -26.61 -8.06 1.26
CA SER A 281 -27.19 -9.35 0.93
C SER A 281 -26.32 -10.06 -0.13
N GLY A 282 -26.00 -11.32 0.13
CA GLY A 282 -25.30 -12.17 -0.84
C GLY A 282 -23.82 -11.86 -0.97
N TYR A 283 -23.21 -11.10 -0.05
CA TYR A 283 -21.81 -10.75 -0.22
C TYR A 283 -21.01 -12.05 -0.42
N PRO A 284 -20.24 -12.15 -1.51
CA PRO A 284 -19.72 -13.47 -1.91
C PRO A 284 -18.58 -14.09 -1.07
N PHE A 285 -17.84 -13.33 -0.31
CA PHE A 285 -16.72 -13.92 0.42
C PHE A 285 -16.62 -13.35 1.84
N GLN A 286 -15.53 -13.66 2.53
CA GLN A 286 -15.42 -13.43 3.96
C GLN A 286 -15.66 -11.95 4.26
N CYS A 287 -16.54 -11.71 5.21
CA CYS A 287 -16.89 -10.36 5.61
C CYS A 287 -17.51 -10.39 7.01
N LEU A 288 -17.62 -9.19 7.58
CA LEU A 288 -18.26 -9.00 8.85
C LEU A 288 -18.80 -7.57 8.89
N GLY A 289 -20.11 -7.46 8.91
CA GLY A 289 -20.70 -6.16 8.65
C GLY A 289 -20.79 -5.29 9.90
N PHE A 290 -20.35 -4.05 9.77
CA PHE A 290 -20.58 -3.02 10.81
C PHE A 290 -21.10 -1.73 10.15
N THR A 291 -22.18 -1.20 10.67
CA THR A 291 -22.53 0.21 10.45
C THR A 291 -21.48 1.07 11.16
N PRO A 292 -21.40 2.36 10.79
CA PRO A 292 -20.42 3.16 11.51
C PRO A 292 -20.73 3.29 13.01
N GLU A 293 -22.01 3.29 13.40
CA GLU A 293 -22.37 3.34 14.80
C GLU A 293 -21.89 2.04 15.48
N HIS A 294 -22.08 0.91 14.82
CA HIS A 294 -21.62 -0.40 15.38
C HIS A 294 -20.10 -0.41 15.56
N GLN A 295 -19.38 0.06 14.54
CA GLN A 295 -17.94 0.12 14.64
C GLN A 295 -17.53 1.09 15.78
N ARG A 296 -18.19 2.23 15.88
CA ARG A 296 -17.92 3.19 16.96
C ARG A 296 -18.01 2.51 18.33
N ASP A 297 -19.11 1.84 18.57
CA ASP A 297 -19.37 1.24 19.86
C ASP A 297 -18.49 0.02 20.11
N PHE A 298 -18.15 -0.74 19.06
CA PHE A 298 -17.22 -1.85 19.22
C PHE A 298 -15.83 -1.35 19.63
N ILE A 299 -15.38 -0.27 18.99
CA ILE A 299 -14.09 0.29 19.32
C ILE A 299 -14.13 0.82 20.76
N ALA A 300 -15.15 1.61 21.08
CA ALA A 300 -15.22 2.25 22.41
C ALA A 300 -15.34 1.23 23.55
N ARG A 301 -16.16 0.20 23.36
CA ARG A 301 -16.55 -0.67 24.47
C ARG A 301 -15.69 -1.93 24.51
N ASP A 302 -15.12 -2.36 23.39
CA ASP A 302 -14.44 -3.65 23.33
C ASP A 302 -13.02 -3.61 22.77
N LEU A 303 -12.84 -3.18 21.53
CA LEU A 303 -11.52 -3.36 20.92
C LEU A 303 -10.52 -2.36 21.52
N GLY A 304 -10.93 -1.13 21.68
CA GLY A 304 -10.03 -0.12 22.24
C GLY A 304 -9.54 -0.54 23.62
N PRO A 305 -10.46 -0.72 24.56
CA PRO A 305 -10.06 -1.13 25.92
C PRO A 305 -9.26 -2.45 25.96
N THR A 306 -9.62 -3.42 25.12
CA THR A 306 -8.94 -4.72 25.14
C THR A 306 -7.49 -4.59 24.68
N LEU A 307 -7.27 -3.84 23.60
CA LEU A 307 -5.91 -3.60 23.10
C LEU A 307 -5.12 -2.80 24.14
N ALA A 308 -5.75 -1.78 24.74
CA ALA A 308 -5.05 -0.87 25.66
C ALA A 308 -4.62 -1.60 26.94
N ASN A 309 -5.37 -2.63 27.34
CA ASN A 309 -5.11 -3.44 28.53
C ASN A 309 -4.09 -4.56 28.25
N SER A 310 -3.63 -4.69 27.02
CA SER A 310 -2.77 -5.82 26.65
C SER A 310 -1.32 -5.36 26.55
N THR A 311 -0.42 -6.33 26.43
CA THR A 311 0.98 -6.04 26.22
C THR A 311 1.19 -5.40 24.84
N HIS A 312 0.15 -5.40 24.01
CA HIS A 312 0.19 -4.88 22.66
C HIS A 312 -0.40 -3.46 22.59
N HIS A 313 -0.39 -2.75 23.72
CA HIS A 313 -1.02 -1.43 23.78
C HIS A 313 -0.38 -0.43 22.81
N ASN A 314 0.85 -0.66 22.37
CA ASN A 314 1.53 0.27 21.44
C ASN A 314 1.06 0.05 20.00
N VAL A 315 0.32 -1.02 19.72
CA VAL A 315 -0.23 -1.23 18.39
C VAL A 315 -1.30 -0.15 18.12
N ARG A 316 -1.26 0.45 16.94
CA ARG A 316 -2.21 1.50 16.61
C ARG A 316 -3.46 0.88 16.03
N LEU A 317 -4.60 1.51 16.24
CA LEU A 317 -5.87 1.08 15.70
C LEU A 317 -6.31 2.05 14.60
N LEU A 318 -6.58 1.49 13.41
CA LEU A 318 -7.10 2.27 12.30
C LEU A 318 -8.57 1.89 12.09
N MET A 319 -9.42 2.89 11.90
CA MET A 319 -10.83 2.67 11.60
C MET A 319 -11.11 2.69 10.09
N LEU A 320 -12.35 2.37 9.74
CA LEU A 320 -12.89 2.31 8.36
C LEU A 320 -12.33 1.14 7.53
N ASP A 321 -11.10 1.23 7.00
CA ASP A 321 -10.54 0.19 6.12
C ASP A 321 -11.50 -0.14 4.96
N ASP A 322 -11.95 0.92 4.28
CA ASP A 322 -12.99 0.79 3.29
C ASP A 322 -12.90 1.97 2.32
N GLN A 323 -13.85 2.00 1.39
CA GLN A 323 -13.82 2.92 0.29
C GLN A 323 -14.13 4.36 0.72
N ARG A 324 -13.61 5.32 -0.05
CA ARG A 324 -13.58 6.72 0.40
C ARG A 324 -14.96 7.36 0.41
N LEU A 325 -15.97 6.87 -0.34
CA LEU A 325 -17.28 7.55 -0.32
C LEU A 325 -17.99 7.39 1.03
N LEU A 326 -17.45 6.53 1.89
CA LEU A 326 -17.98 6.45 3.27
C LEU A 326 -17.48 7.61 4.13
N LEU A 327 -16.55 8.39 3.65
CA LEU A 327 -16.05 9.58 4.35
C LEU A 327 -16.69 10.84 3.74
N PRO A 328 -16.92 11.87 4.56
CA PRO A 328 -16.49 11.96 5.96
C PRO A 328 -17.48 11.35 6.96
N HIS A 329 -18.64 10.88 6.49
CA HIS A 329 -19.70 10.39 7.38
C HIS A 329 -19.18 9.41 8.44
N TRP A 330 -18.37 8.45 8.06
CA TRP A 330 -17.90 7.42 8.99
C TRP A 330 -16.99 8.02 10.05
N ALA A 331 -16.14 8.94 9.63
CA ALA A 331 -15.23 9.62 10.53
C ALA A 331 -16.06 10.46 11.52
N LYS A 332 -17.10 11.12 11.03
CA LYS A 332 -17.94 11.91 11.92
C LYS A 332 -18.57 10.99 12.97
N VAL A 333 -19.12 9.87 12.52
CA VAL A 333 -19.83 9.03 13.48
C VAL A 333 -18.85 8.54 14.55
N VAL A 334 -17.67 8.07 14.15
CA VAL A 334 -16.79 7.42 15.11
C VAL A 334 -16.04 8.46 15.94
N LEU A 335 -15.51 9.51 15.31
CA LEU A 335 -14.54 10.36 15.99
C LEU A 335 -15.24 11.47 16.80
N THR A 336 -16.53 11.70 16.61
CA THR A 336 -17.23 12.70 17.45
C THR A 336 -17.66 12.08 18.79
N ASP A 337 -17.52 10.77 18.94
CA ASP A 337 -17.72 10.09 20.21
C ASP A 337 -16.39 10.03 20.96
N PRO A 338 -16.25 10.80 22.03
CA PRO A 338 -14.92 10.84 22.67
C PRO A 338 -14.44 9.47 23.15
N GLU A 339 -15.36 8.59 23.50
CA GLU A 339 -14.97 7.30 24.04
C GLU A 339 -14.38 6.41 22.96
N ALA A 340 -14.79 6.59 21.71
CA ALA A 340 -14.19 5.86 20.60
C ALA A 340 -12.92 6.58 20.13
N ALA A 341 -13.04 7.90 20.06
CA ALA A 341 -12.00 8.71 19.47
C ALA A 341 -10.68 8.50 20.20
N LYS A 342 -10.70 8.27 21.50
CA LYS A 342 -9.45 8.17 22.25
C LYS A 342 -8.68 6.90 21.87
N TYR A 343 -9.30 5.97 21.15
CA TYR A 343 -8.62 4.72 20.76
C TYR A 343 -8.22 4.72 19.28
N VAL A 344 -8.69 5.67 18.48
CA VAL A 344 -8.53 5.59 17.03
C VAL A 344 -7.33 6.46 16.66
N HIS A 345 -6.32 5.84 16.06
CA HIS A 345 -5.09 6.52 15.68
C HIS A 345 -5.14 7.01 14.23
N GLY A 346 -6.00 6.41 13.42
CA GLY A 346 -5.98 6.74 11.99
C GLY A 346 -7.19 6.17 11.29
N ILE A 347 -7.34 6.60 10.04
CA ILE A 347 -8.39 6.14 9.17
C ILE A 347 -7.76 5.45 7.96
N ALA A 348 -8.10 4.19 7.77
CA ALA A 348 -7.60 3.41 6.63
C ALA A 348 -8.61 3.49 5.49
N VAL A 349 -8.10 3.74 4.27
CA VAL A 349 -8.93 3.88 3.08
CA VAL A 349 -8.95 3.86 3.09
C VAL A 349 -8.47 2.88 2.02
N HIS A 350 -9.43 2.28 1.33
CA HIS A 350 -9.17 1.43 0.17
C HIS A 350 -9.45 2.19 -1.12
N TRP A 351 -8.64 1.90 -2.14
CA TRP A 351 -8.68 2.49 -3.47
C TRP A 351 -8.90 1.40 -4.52
N TYR A 352 -10.10 1.30 -5.07
CA TYR A 352 -10.33 0.46 -6.25
C TYR A 352 -10.15 1.36 -7.46
N LEU A 353 -9.00 1.23 -8.10
CA LEU A 353 -8.54 2.25 -9.03
C LEU A 353 -9.35 2.23 -10.33
N ASP A 354 -10.07 1.14 -10.59
CA ASP A 354 -10.99 1.05 -11.72
C ASP A 354 -12.25 1.87 -11.59
N PHE A 355 -12.51 2.43 -10.41
CA PHE A 355 -13.82 3.02 -10.16
C PHE A 355 -13.64 4.49 -9.82
N LEU A 356 -14.61 5.32 -10.21
CA LEU A 356 -14.55 6.77 -9.99
C LEU A 356 -15.18 7.13 -8.65
N ALA A 357 -14.54 8.04 -7.92
CA ALA A 357 -15.13 8.60 -6.71
C ALA A 357 -14.42 9.92 -6.35
N PRO A 358 -15.15 10.85 -5.72
CA PRO A 358 -14.52 12.11 -5.36
C PRO A 358 -13.40 11.98 -4.32
N ALA A 359 -12.41 12.88 -4.38
CA ALA A 359 -11.26 12.95 -3.46
C ALA A 359 -11.42 14.15 -2.50
N LYS A 360 -11.72 15.31 -3.05
CA LYS A 360 -11.81 16.50 -2.20
C LYS A 360 -12.98 16.37 -1.21
N ALA A 361 -14.15 15.90 -1.67
CA ALA A 361 -15.31 15.80 -0.82
C ALA A 361 -15.12 14.67 0.21
N THR A 362 -14.20 13.75 0.01
CA THR A 362 -14.05 12.59 0.93
C THR A 362 -12.82 12.81 1.81
N LEU A 363 -11.63 12.63 1.26
CA LEU A 363 -10.36 12.77 1.98
C LEU A 363 -10.15 14.22 2.41
N GLY A 364 -10.47 15.16 1.53
CA GLY A 364 -10.21 16.56 1.82
C GLY A 364 -11.05 17.02 3.00
N GLU A 365 -12.34 16.69 2.95
CA GLU A 365 -13.27 17.09 3.98
C GLU A 365 -12.88 16.36 5.28
N THR A 366 -12.45 15.12 5.18
CA THR A 366 -12.11 14.39 6.41
C THR A 366 -10.90 15.05 7.09
N HIS A 367 -9.91 15.43 6.31
CA HIS A 367 -8.73 16.11 6.86
C HIS A 367 -9.15 17.44 7.50
N ARG A 368 -10.06 18.17 6.86
CA ARG A 368 -10.49 19.49 7.38
C ARG A 368 -11.17 19.28 8.73
N LEU A 369 -12.03 18.26 8.84
CA LEU A 369 -12.81 18.09 10.07
C LEU A 369 -11.99 17.40 11.16
N PHE A 370 -11.02 16.56 10.80
CA PHE A 370 -10.27 15.75 11.77
C PHE A 370 -8.78 15.80 11.42
N PRO A 371 -8.20 17.00 11.46
CA PRO A 371 -6.82 17.17 10.99
C PRO A 371 -5.79 16.39 11.82
N ASN A 372 -6.14 15.96 13.04
CA ASN A 372 -5.19 15.28 13.92
C ASN A 372 -5.32 13.75 13.84
N THR A 373 -6.21 13.26 13.00
CA THR A 373 -6.34 11.82 12.77
C THR A 373 -5.72 11.49 11.40
N MET A 374 -4.69 10.67 11.36
CA MET A 374 -4.00 10.46 10.08
CA MET A 374 -3.99 10.44 10.09
C MET A 374 -4.87 9.60 9.15
N LEU A 375 -4.73 9.82 7.84
CA LEU A 375 -5.31 9.03 6.80
C LEU A 375 -4.23 8.14 6.19
N PHE A 376 -4.56 6.90 5.91
CA PHE A 376 -3.62 5.92 5.43
C PHE A 376 -4.32 5.07 4.37
N ALA A 377 -3.69 4.80 3.25
CA ALA A 377 -4.28 3.99 2.19
C ALA A 377 -3.81 2.54 2.44
N SER A 378 -4.74 1.66 2.80
CA SER A 378 -4.39 0.33 3.26
C SER A 378 -4.59 -0.72 2.18
N GLU A 379 -5.24 -0.38 1.07
CA GLU A 379 -5.39 -1.36 0.01
C GLU A 379 -5.68 -0.60 -1.29
N ALA A 380 -5.02 -1.02 -2.38
CA ALA A 380 -5.33 -0.49 -3.67
C ALA A 380 -5.22 -1.63 -4.67
N CYS A 381 -6.05 -1.60 -5.68
CA CYS A 381 -5.88 -2.58 -6.74
C CYS A 381 -6.59 -2.14 -8.01
N VAL A 382 -6.19 -2.81 -9.07
CA VAL A 382 -6.71 -2.58 -10.37
CA VAL A 382 -6.72 -2.57 -10.41
C VAL A 382 -7.05 -3.95 -11.00
N GLY A 383 -7.91 -3.96 -11.99
CA GLY A 383 -8.23 -5.18 -12.73
C GLY A 383 -9.42 -5.93 -12.16
N SER A 384 -10.16 -5.31 -11.25
CA SER A 384 -11.17 -6.06 -10.53
C SER A 384 -12.51 -6.13 -11.29
N LYS A 385 -12.73 -5.28 -12.31
CA LYS A 385 -13.96 -5.35 -13.12
C LYS A 385 -14.00 -6.68 -13.89
N PHE A 386 -15.15 -7.34 -13.89
CA PHE A 386 -15.22 -8.69 -14.49
C PHE A 386 -14.88 -8.65 -15.98
N TRP A 387 -15.13 -7.51 -16.67
CA TRP A 387 -15.04 -7.47 -18.10
C TRP A 387 -13.68 -7.00 -18.60
N GLU A 388 -12.76 -6.76 -17.70
CA GLU A 388 -11.39 -6.42 -18.14
C GLU A 388 -10.49 -7.58 -17.72
N GLN A 389 -9.46 -7.82 -18.51
CA GLN A 389 -8.50 -8.83 -18.18
C GLN A 389 -7.96 -8.48 -16.78
N SER A 390 -7.98 -9.48 -15.91
CA SER A 390 -7.47 -9.30 -14.55
C SER A 390 -6.01 -8.90 -14.56
N VAL A 391 -5.21 -9.59 -15.39
CA VAL A 391 -3.83 -9.37 -15.51
C VAL A 391 -3.57 -8.93 -16.95
N ARG A 392 -3.09 -7.72 -17.08
CA ARG A 392 -2.69 -7.18 -18.39
C ARG A 392 -1.17 -6.93 -18.37
N LEU A 393 -0.41 -7.91 -18.86
CA LEU A 393 1.05 -7.89 -18.73
C LEU A 393 1.62 -6.77 -19.61
N GLY A 394 2.18 -5.78 -18.92
CA GLY A 394 2.84 -4.69 -19.54
C GLY A 394 1.95 -3.46 -19.70
N SER A 395 0.83 -3.37 -18.99
CA SER A 395 -0.07 -2.22 -19.15
C SER A 395 0.52 -0.92 -18.55
N TRP A 396 0.92 0.02 -19.38
CA TRP A 396 1.33 1.32 -18.87
C TRP A 396 0.16 2.05 -18.22
N ASP A 397 -1.01 1.89 -18.79
CA ASP A 397 -2.17 2.60 -18.21
C ASP A 397 -2.36 2.20 -16.77
N ARG A 398 -2.25 0.90 -16.44
CA ARG A 398 -2.46 0.51 -15.05
C ARG A 398 -1.33 1.06 -14.16
N GLY A 399 -0.11 1.16 -14.70
CA GLY A 399 0.99 1.78 -13.99
C GLY A 399 0.66 3.24 -13.65
N MET A 400 0.19 3.96 -14.66
CA MET A 400 -0.21 5.40 -14.45
C MET A 400 -1.35 5.50 -13.44
N GLN A 401 -2.22 4.50 -13.38
CA GLN A 401 -3.27 4.55 -12.37
C GLN A 401 -2.69 4.48 -10.97
N TYR A 402 -1.69 3.63 -10.76
CA TYR A 402 -1.04 3.48 -9.49
C TYR A 402 -0.36 4.81 -9.11
N SER A 403 0.42 5.39 -10.03
CA SER A 403 1.23 6.56 -9.61
C SER A 403 0.32 7.79 -9.47
N HIS A 404 -0.67 7.92 -10.33
CA HIS A 404 -1.62 9.01 -10.19
C HIS A 404 -2.34 8.86 -8.85
N SER A 405 -2.68 7.64 -8.46
CA SER A 405 -3.37 7.41 -7.17
CA SER A 405 -3.38 7.46 -7.19
C SER A 405 -2.46 7.82 -6.00
N ILE A 406 -1.23 7.44 -6.06
CA ILE A 406 -0.32 7.72 -5.00
C ILE A 406 -0.15 9.23 -4.88
N ILE A 407 0.06 9.89 -6.01
CA ILE A 407 0.21 11.39 -5.97
C ILE A 407 -1.06 12.01 -5.37
N THR A 408 -2.21 11.57 -5.83
CA THR A 408 -3.49 12.10 -5.35
C THR A 408 -3.59 11.87 -3.85
N ASN A 409 -3.28 10.66 -3.38
CA ASN A 409 -3.29 10.39 -1.94
C ASN A 409 -2.35 11.34 -1.18
N LEU A 410 -1.14 11.51 -1.67
CA LEU A 410 -0.21 12.34 -0.95
C LEU A 410 -0.68 13.80 -0.93
N LEU A 411 -1.32 14.28 -2.00
CA LEU A 411 -1.75 15.68 -2.05
C LEU A 411 -2.96 15.90 -1.15
N TYR A 412 -3.63 14.80 -0.75
CA TYR A 412 -4.73 14.90 0.18
C TYR A 412 -4.33 14.35 1.55
N HIS A 413 -3.07 14.47 1.91
CA HIS A 413 -2.58 14.36 3.29
C HIS A 413 -2.43 12.89 3.74
N VAL A 414 -2.57 11.96 2.83
CA VAL A 414 -2.47 10.54 3.24
C VAL A 414 -0.99 10.18 3.54
N VAL A 415 -0.76 9.35 4.56
CA VAL A 415 0.60 9.15 5.12
C VAL A 415 1.24 7.86 4.58
N GLY A 416 0.50 7.01 3.90
CA GLY A 416 1.14 5.83 3.34
C GLY A 416 0.22 5.18 2.35
N TRP A 417 0.77 4.19 1.66
CA TRP A 417 0.04 3.57 0.54
CA TRP A 417 0.09 3.57 0.55
C TRP A 417 0.46 2.10 0.47
N THR A 418 -0.54 1.26 0.56
CA THR A 418 -0.37 -0.16 0.61
C THR A 418 -1.08 -0.82 -0.56
N ASP A 419 -0.31 -1.49 -1.42
CA ASP A 419 -0.86 -2.26 -2.46
C ASP A 419 -1.56 -3.52 -1.89
N TRP A 420 -2.34 -4.15 -2.72
CA TRP A 420 -2.97 -5.41 -2.40
C TRP A 420 -1.96 -6.56 -2.60
N ASN A 421 -2.38 -7.68 -3.16
CA ASN A 421 -1.49 -8.87 -3.22
C ASN A 421 -0.09 -8.57 -3.75
N LEU A 422 0.95 -9.00 -3.04
CA LEU A 422 2.35 -8.82 -3.49
C LEU A 422 2.62 -9.56 -4.79
N ALA A 423 1.98 -10.69 -5.03
CA ALA A 423 2.26 -11.42 -6.30
C ALA A 423 1.02 -12.25 -6.63
N LEU A 424 0.68 -12.43 -7.88
CA LEU A 424 -0.43 -13.27 -8.29
C LEU A 424 0.00 -14.12 -9.48
N ASN A 425 -0.81 -15.10 -9.83
CA ASN A 425 -0.53 -15.90 -11.01
C ASN A 425 -1.05 -15.18 -12.27
N PRO A 426 -0.86 -15.76 -13.46
CA PRO A 426 -1.30 -15.02 -14.65
C PRO A 426 -2.83 -14.87 -14.82
N GLU A 427 -3.60 -15.61 -14.05
CA GLU A 427 -5.07 -15.47 -13.97
C GLU A 427 -5.47 -14.35 -13.00
N GLY A 428 -4.54 -13.91 -12.15
CA GLY A 428 -4.84 -12.94 -11.10
C GLY A 428 -5.30 -13.62 -9.83
N GLY A 429 -4.85 -14.83 -9.64
CA GLY A 429 -5.24 -15.64 -8.52
C GLY A 429 -4.06 -16.28 -7.82
N PRO A 430 -4.33 -17.32 -7.00
CA PRO A 430 -5.61 -17.93 -6.75
C PRO A 430 -6.56 -17.10 -5.87
N ASN A 431 -7.84 -17.43 -5.99
CA ASN A 431 -8.89 -16.73 -5.28
C ASN A 431 -10.11 -17.65 -5.29
N TRP A 432 -10.65 -18.00 -4.11
CA TRP A 432 -11.61 -19.06 -4.03
C TRP A 432 -12.99 -18.67 -4.59
N VAL A 433 -13.27 -17.38 -4.79
CA VAL A 433 -14.50 -16.97 -5.46
C VAL A 433 -14.21 -16.40 -6.84
N ARG A 434 -12.99 -16.63 -7.33
CA ARG A 434 -12.58 -16.22 -8.69
C ARG A 434 -12.67 -14.69 -8.83
N ASN A 435 -12.43 -13.97 -7.75
CA ASN A 435 -12.41 -12.49 -7.75
C ASN A 435 -11.00 -12.00 -8.12
N PHE A 436 -10.57 -12.30 -9.33
CA PHE A 436 -9.18 -12.10 -9.75
C PHE A 436 -8.91 -10.62 -10.04
N VAL A 437 -7.66 -10.22 -9.81
CA VAL A 437 -7.24 -8.82 -10.01
C VAL A 437 -5.80 -8.82 -10.53
N ASP A 438 -5.27 -7.65 -10.82
CA ASP A 438 -3.86 -7.50 -11.21
C ASP A 438 -2.94 -7.35 -9.97
N SER A 439 -1.64 -7.50 -10.20
CA SER A 439 -0.61 -7.38 -9.16
C SER A 439 0.66 -6.84 -9.80
N PRO A 440 1.47 -6.11 -9.07
CA PRO A 440 2.71 -5.62 -9.65
C PRO A 440 3.69 -6.71 -10.07
N ILE A 441 3.60 -7.89 -9.47
CA ILE A 441 4.45 -9.01 -9.85
C ILE A 441 3.55 -10.21 -10.17
N ILE A 442 3.78 -10.80 -11.32
CA ILE A 442 3.01 -11.95 -11.82
C ILE A 442 3.97 -13.13 -11.93
N VAL A 443 3.63 -14.23 -11.29
CA VAL A 443 4.48 -15.43 -11.26
CA VAL A 443 4.49 -15.43 -11.27
C VAL A 443 3.98 -16.44 -12.30
N ASP A 444 4.92 -16.99 -13.06
CA ASP A 444 4.63 -18.07 -14.02
C ASP A 444 5.50 -19.27 -13.72
N ILE A 445 4.92 -20.15 -12.93
CA ILE A 445 5.60 -21.28 -12.32
C ILE A 445 6.10 -22.23 -13.39
N THR A 446 5.40 -22.31 -14.53
CA THR A 446 5.76 -23.27 -15.56
C THR A 446 7.08 -22.85 -16.21
N LYS A 447 7.47 -21.59 -16.10
CA LYS A 447 8.75 -21.12 -16.62
C LYS A 447 9.72 -20.75 -15.49
N ASP A 448 9.34 -20.95 -14.24
CA ASP A 448 10.07 -20.47 -13.04
C ASP A 448 10.50 -19.04 -13.24
N THR A 449 9.54 -18.23 -13.67
CA THR A 449 9.76 -16.82 -14.03
CA THR A 449 9.77 -16.81 -14.02
C THR A 449 8.75 -15.97 -13.27
N PHE A 450 9.11 -14.72 -13.01
CA PHE A 450 8.12 -13.77 -12.61
C PHE A 450 8.32 -12.50 -13.45
N TYR A 451 7.21 -11.76 -13.59
CA TYR A 451 7.18 -10.59 -14.42
C TYR A 451 6.89 -9.37 -13.56
N LYS A 452 7.73 -8.35 -13.68
CA LYS A 452 7.48 -7.08 -12.98
C LYS A 452 6.74 -6.15 -13.94
N GLN A 453 5.52 -5.80 -13.53
CA GLN A 453 4.59 -4.96 -14.27
C GLN A 453 5.02 -3.49 -14.21
N PRO A 454 4.57 -2.67 -15.16
CA PRO A 454 4.68 -1.21 -15.02
C PRO A 454 4.24 -0.73 -13.63
N MET A 455 3.15 -1.26 -13.09
CA MET A 455 2.72 -0.91 -11.73
C MET A 455 3.84 -1.05 -10.68
N PHE A 456 4.70 -2.06 -10.79
CA PHE A 456 5.84 -2.24 -9.87
C PHE A 456 6.71 -0.97 -9.88
N TYR A 457 7.06 -0.48 -11.05
CA TYR A 457 7.98 0.63 -11.23
C TYR A 457 7.27 1.92 -10.82
N HIS A 458 6.00 2.07 -11.21
CA HIS A 458 5.28 3.28 -10.78
C HIS A 458 5.24 3.38 -9.25
N LEU A 459 4.99 2.26 -8.57
CA LEU A 459 5.00 2.28 -7.09
C LEU A 459 6.45 2.56 -6.63
N GLY A 460 7.45 1.92 -7.23
CA GLY A 460 8.83 2.08 -6.81
C GLY A 460 9.36 3.52 -6.90
N HIS A 461 8.82 4.31 -7.84
CA HIS A 461 9.21 5.74 -7.99
C HIS A 461 8.92 6.52 -6.71
N PHE A 462 8.02 5.98 -5.88
CA PHE A 462 7.72 6.55 -4.59
C PHE A 462 8.41 5.72 -3.50
N SER A 463 8.17 4.40 -3.44
CA SER A 463 8.61 3.62 -2.28
C SER A 463 10.13 3.67 -2.11
N LYS A 464 10.88 3.64 -3.22
CA LYS A 464 12.30 3.54 -3.11
C LYS A 464 12.91 4.82 -2.54
N PHE A 465 12.24 5.96 -2.76
CA PHE A 465 12.87 7.27 -2.62
C PHE A 465 12.21 8.10 -1.51
N ILE A 466 11.29 7.50 -0.76
CA ILE A 466 10.58 8.22 0.30
C ILE A 466 10.68 7.39 1.58
N PRO A 467 11.77 7.59 2.34
CA PRO A 467 11.93 6.92 3.62
C PRO A 467 10.82 7.32 4.61
N GLU A 468 10.53 6.38 5.50
CA GLU A 468 9.62 6.65 6.61
C GLU A 468 10.08 7.91 7.36
N GLY A 469 9.13 8.81 7.64
CA GLY A 469 9.46 10.01 8.33
C GLY A 469 9.72 11.19 7.40
N SER A 470 9.78 10.94 6.09
CA SER A 470 9.77 12.01 5.10
C SER A 470 8.52 12.89 5.29
N GLN A 471 8.62 14.15 4.93
CA GLN A 471 7.50 15.03 5.08
C GLN A 471 7.16 15.65 3.73
N ARG A 472 5.92 15.63 3.35
CA ARG A 472 5.52 16.27 2.14
C ARG A 472 5.70 17.78 2.29
N VAL A 473 6.13 18.41 1.21
CA VAL A 473 6.26 19.86 1.20
C VAL A 473 5.62 20.45 -0.05
N GLY A 474 5.47 21.75 -0.10
CA GLY A 474 4.78 22.33 -1.21
C GLY A 474 5.64 22.36 -2.47
N LEU A 475 4.93 22.44 -3.58
CA LEU A 475 5.52 22.52 -4.91
C LEU A 475 4.57 23.32 -5.80
N VAL A 476 4.95 24.54 -6.16
CA VAL A 476 4.03 25.46 -6.82
C VAL A 476 4.39 25.59 -8.30
N ALA A 477 3.41 25.33 -9.18
CA ALA A 477 3.60 25.49 -10.65
C ALA A 477 3.43 26.96 -11.05
N SER A 478 4.30 27.45 -11.93
CA SER A 478 4.24 28.83 -12.41
C SER A 478 3.12 29.04 -13.44
N GLN A 479 2.65 27.96 -14.07
CA GLN A 479 1.60 28.04 -15.10
C GLN A 479 0.83 26.72 -15.13
N LYS A 480 -0.34 26.79 -15.75
CA LYS A 480 -1.19 25.61 -15.88
C LYS A 480 -0.46 24.59 -16.76
N ASN A 481 -0.61 23.31 -16.44
CA ASN A 481 0.16 22.26 -17.07
C ASN A 481 -0.56 20.92 -16.84
N ASP A 482 -0.16 19.89 -17.58
CA ASP A 482 -0.81 18.59 -17.57
C ASP A 482 -0.14 17.59 -16.62
N LEU A 483 0.87 18.03 -15.88
CA LEU A 483 1.67 17.13 -15.09
C LEU A 483 1.02 16.90 -13.73
N ASP A 484 1.39 15.78 -13.15
CA ASP A 484 1.07 15.46 -11.76
C ASP A 484 2.41 15.41 -10.99
N ALA A 485 2.54 16.10 -9.85
CA ALA A 485 3.82 16.11 -9.16
C ALA A 485 3.61 16.21 -7.64
N VAL A 486 4.59 15.72 -6.90
CA VAL A 486 4.63 15.86 -5.46
C VAL A 486 6.08 16.01 -5.02
N ALA A 487 6.30 16.72 -3.94
CA ALA A 487 7.62 17.01 -3.39
C ALA A 487 7.65 16.59 -1.93
N LEU A 488 8.74 16.00 -1.50
CA LEU A 488 8.89 15.67 -0.10
C LEU A 488 10.33 15.93 0.34
N MET A 489 10.48 16.03 1.65
CA MET A 489 11.78 16.22 2.24
C MET A 489 12.08 15.00 3.11
N HIS A 490 13.24 14.39 2.90
CA HIS A 490 13.69 13.29 3.73
C HIS A 490 13.95 13.75 5.18
N PRO A 491 13.94 12.79 6.14
CA PRO A 491 14.34 13.14 7.52
C PRO A 491 15.68 13.89 7.60
N ASP A 492 16.65 13.54 6.74
CA ASP A 492 17.96 14.21 6.75
C ASP A 492 18.00 15.50 5.96
N GLY A 493 16.85 15.98 5.45
CA GLY A 493 16.77 17.27 4.75
C GLY A 493 16.83 17.17 3.23
N SER A 494 17.16 16.01 2.67
CA SER A 494 17.28 15.87 1.22
C SER A 494 15.91 16.01 0.54
N ALA A 495 15.92 16.37 -0.74
CA ALA A 495 14.69 16.60 -1.50
C ALA A 495 14.39 15.44 -2.46
N VAL A 496 13.13 15.12 -2.62
CA VAL A 496 12.65 14.21 -3.60
C VAL A 496 11.41 14.81 -4.28
N VAL A 497 11.38 14.75 -5.61
CA VAL A 497 10.23 15.19 -6.37
C VAL A 497 9.85 14.11 -7.37
N VAL A 498 8.60 13.76 -7.42
CA VAL A 498 8.10 12.79 -8.41
C VAL A 498 7.23 13.55 -9.41
N VAL A 499 7.50 13.33 -10.68
CA VAL A 499 6.75 13.94 -11.74
C VAL A 499 6.19 12.90 -12.70
N LEU A 500 4.87 12.86 -12.82
CA LEU A 500 4.15 11.93 -13.73
C LEU A 500 3.57 12.72 -14.90
N ASN A 501 3.84 12.24 -16.12
CA ASN A 501 3.24 12.79 -17.29
C ASN A 501 2.35 11.74 -17.94
N ARG A 502 1.05 11.91 -17.76
CA ARG A 502 0.06 11.02 -18.36
C ARG A 502 -0.31 11.48 -19.77
N SER A 503 0.28 12.58 -20.28
CA SER A 503 0.00 13.10 -21.64
C SER A 503 0.97 12.50 -22.65
N SER A 504 0.68 12.71 -23.93
CA SER A 504 1.54 12.22 -24.98
C SER A 504 2.68 13.22 -25.26
N LYS A 505 2.59 14.42 -24.71
CA LYS A 505 3.54 15.52 -25.06
C LYS A 505 4.72 15.59 -24.08
N ASP A 506 5.92 15.79 -24.63
CA ASP A 506 7.12 16.06 -23.83
C ASP A 506 7.02 17.46 -23.28
N VAL A 507 7.16 17.64 -21.98
CA VAL A 507 7.00 18.94 -21.32
C VAL A 507 8.35 19.36 -20.71
N PRO A 508 9.03 20.33 -21.32
CA PRO A 508 10.24 20.86 -20.67
C PRO A 508 9.82 21.55 -19.35
N LEU A 509 10.62 21.40 -18.32
CA LEU A 509 10.32 22.15 -17.11
CA LEU A 509 10.32 22.14 -17.10
C LEU A 509 11.59 22.36 -16.28
N THR A 510 11.47 23.27 -15.34
CA THR A 510 12.55 23.55 -14.45
C THR A 510 12.01 23.36 -13.04
N ILE A 511 12.78 22.72 -12.19
CA ILE A 511 12.45 22.71 -10.76
C ILE A 511 13.35 23.71 -10.07
N LYS A 512 12.75 24.61 -9.29
CA LYS A 512 13.52 25.58 -8.55
C LYS A 512 13.52 25.18 -7.07
N ASP A 513 14.69 25.02 -6.49
CA ASP A 513 14.83 24.85 -5.06
C ASP A 513 15.39 26.16 -4.56
N PRO A 514 14.57 26.99 -3.91
CA PRO A 514 14.97 28.35 -3.63
C PRO A 514 16.29 28.43 -2.85
N ALA A 515 16.61 27.44 -2.01
CA ALA A 515 17.92 27.51 -1.33
C ALA A 515 19.06 27.20 -2.32
N VAL A 516 18.84 26.33 -3.29
CA VAL A 516 19.90 25.46 -3.83
C VAL A 516 20.18 25.79 -5.31
N GLY A 517 19.14 26.06 -6.09
CA GLY A 517 19.31 26.35 -7.53
C GLY A 517 18.23 25.70 -8.36
N PHE A 518 18.53 25.51 -9.64
CA PHE A 518 17.55 25.10 -10.62
C PHE A 518 17.94 23.76 -11.26
N LEU A 519 16.95 22.90 -11.41
CA LEU A 519 17.12 21.64 -12.13
C LEU A 519 16.42 21.77 -13.48
N GLU A 520 17.16 21.76 -14.58
CA GLU A 520 16.55 21.93 -15.90
C GLU A 520 16.31 20.53 -16.42
N THR A 521 15.09 20.22 -16.81
CA THR A 521 14.79 18.89 -17.18
C THR A 521 13.66 18.87 -18.22
N ILE A 522 13.17 17.68 -18.45
CA ILE A 522 12.11 17.45 -19.38
C ILE A 522 11.29 16.30 -18.82
N SER A 523 9.97 16.40 -18.95
CA SER A 523 9.04 15.32 -18.61
C SER A 523 8.49 14.72 -19.90
N PRO A 524 9.10 13.63 -20.38
CA PRO A 524 8.60 13.06 -21.64
C PRO A 524 7.15 12.58 -21.55
N GLY A 525 6.45 12.56 -22.67
CA GLY A 525 5.13 11.96 -22.65
C GLY A 525 5.17 10.53 -22.15
N TYR A 526 4.14 10.13 -21.41
CA TYR A 526 4.01 8.78 -20.87
C TYR A 526 5.29 8.38 -20.12
N SER A 527 5.68 9.23 -19.18
CA SER A 527 6.82 8.96 -18.35
C SER A 527 6.50 9.21 -16.88
N ILE A 528 7.41 8.69 -16.07
CA ILE A 528 7.45 9.07 -14.64
C ILE A 528 8.92 9.24 -14.27
N HIS A 529 9.21 10.32 -13.55
CA HIS A 529 10.54 10.63 -13.08
C HIS A 529 10.53 10.83 -11.56
N THR A 530 11.58 10.37 -10.93
CA THR A 530 11.89 10.79 -9.58
C THR A 530 13.23 11.54 -9.56
N TYR A 531 13.24 12.72 -8.94
CA TYR A 531 14.41 13.59 -8.78
C TYR A 531 14.84 13.57 -7.32
N LEU A 532 16.13 13.50 -7.07
CA LEU A 532 16.66 13.48 -5.70
C LEU A 532 17.87 14.40 -5.65
N TRP A 533 18.02 15.18 -4.59
CA TRP A 533 19.20 15.96 -4.42
C TRP A 533 19.43 16.31 -2.95
N ARG A 534 20.68 16.52 -2.60
CA ARG A 534 21.07 17.09 -1.31
C ARG A 534 20.82 18.60 -1.30
N ARG A 535 20.46 19.13 -0.14
CA ARG A 535 20.15 20.54 0.02
C ARG A 535 21.14 21.15 0.99
N GLN A 536 22.08 21.96 0.50
CA GLN A 536 23.03 22.70 1.36
C GLN A 536 22.35 24.00 1.75
N HIS A 537 22.66 24.50 2.95
CA HIS A 537 22.02 25.70 3.50
C HIS A 537 23.03 26.83 3.53
C1 NAG B . 16.95 -16.45 -16.91
C2 NAG B . 17.43 -17.69 -17.64
C3 NAG B . 18.69 -17.35 -18.42
C4 NAG B . 18.55 -16.09 -19.24
C5 NAG B . 18.05 -14.95 -18.37
C6 NAG B . 17.83 -13.66 -19.12
C7 NAG B . 17.01 -19.84 -16.52
C8 NAG B . 17.45 -20.74 -15.39
N2 NAG B . 17.70 -18.69 -16.64
O3 NAG B . 18.99 -18.47 -19.27
O4 NAG B . 19.86 -15.71 -19.70
O5 NAG B . 16.81 -15.36 -17.79
O6 NAG B . 17.00 -13.85 -20.25
O7 NAG B . 16.10 -20.13 -17.27
H1 NAG B . 17.72 -16.19 -16.17
H2 NAG B . 16.66 -18.03 -18.34
H3 NAG B . 19.51 -17.20 -17.71
H4 NAG B . 17.86 -16.27 -20.08
H5 NAG B . 18.78 -14.77 -17.57
H61 NAG B . 18.79 -13.25 -19.44
H62 NAG B . 17.37 -12.92 -18.45
H81 NAG B . 17.02 -20.39 -14.49
H82 NAG B . 17.13 -21.73 -15.58
H83 NAG B . 18.50 -20.71 -15.32
HN2 NAG B . 18.46 -18.51 -15.99
HO3 NAG B . 19.83 -18.31 -19.73
HO6 NAG B . 16.88 -13.01 -20.71
C1 NAG B . 19.91 -15.42 -21.10
C2 NAG B . 21.18 -14.64 -21.39
C3 NAG B . 21.21 -14.27 -22.86
C4 NAG B . 21.07 -15.49 -23.74
C5 NAG B . 19.84 -16.30 -23.33
C6 NAG B . 19.75 -17.64 -24.06
C7 NAG B . 21.97 -13.34 -19.47
C8 NAG B . 21.89 -11.98 -18.82
N2 NAG B . 21.26 -13.43 -20.58
O3 NAG B . 22.46 -13.62 -23.12
O4 NAG B . 20.98 -15.05 -25.11
O5 NAG B . 19.90 -16.57 -21.92
O6 NAG B . 20.89 -18.43 -23.70
O7 NAG B . 22.63 -14.23 -18.99
H1 NAG B . 19.06 -14.77 -21.38
H2 NAG B . 22.05 -15.28 -21.18
H3 NAG B . 20.38 -13.58 -23.07
H4 NAG B . 21.97 -16.11 -23.61
H5 NAG B . 18.93 -15.72 -23.56
H61 NAG B . 19.73 -17.47 -25.13
H62 NAG B . 18.84 -18.16 -23.77
H81 NAG B . 20.88 -11.76 -18.57
H82 NAG B . 22.48 -11.97 -17.93
H83 NAG B . 22.26 -11.24 -19.49
HN2 NAG B . 20.75 -12.63 -20.90
HO3 NAG B . 22.50 -13.37 -24.05
HO4 NAG B . 21.45 -16.07 -25.58
HO6 NAG B . 20.83 -19.30 -24.17
C1 NAG C . 24.39 33.84 -13.47
C2 NAG C . 25.62 34.01 -14.34
C3 NAG C . 26.58 34.89 -13.59
C4 NAG C . 26.01 36.30 -13.60
C5 NAG C . 24.52 36.36 -13.21
C6 NAG C . 23.77 37.32 -14.13
C7 NAG C . 26.58 31.76 -13.94
C8 NAG C . 27.16 30.54 -14.63
N2 NAG C . 26.21 32.73 -14.76
O3 NAG C . 27.88 34.87 -14.22
O4 NAG C . 26.76 37.11 -12.69
O5 NAG C . 23.76 35.12 -13.28
O6 NAG C . 24.36 38.64 -14.12
O7 NAG C . 26.47 31.81 -12.72
H1 NAG C . 24.72 33.47 -12.49
H2 NAG C . 25.31 34.53 -15.26
H3 NAG C . 26.68 34.54 -12.56
H4 NAG C . 26.11 36.70 -14.62
H5 NAG C . 24.46 36.75 -12.18
H61 NAG C . 22.73 37.39 -13.81
H62 NAG C . 23.78 36.92 -15.14
H81 NAG C . 28.02 30.83 -15.18
H82 NAG C . 27.43 29.82 -13.91
H83 NAG C . 26.44 30.14 -15.29
HN2 NAG C . 26.34 32.61 -15.75
HO3 NAG C . 28.47 35.46 -13.71
HO4 NAG C . 26.45 38.04 -12.73
HO6 NAG C . 23.84 39.21 -14.72
C1 NAG D . -6.47 -7.26 31.15
C2 NAG D . -7.54 -8.34 31.00
C3 NAG D . -7.37 -9.42 32.06
C4 NAG D . -5.99 -10.04 31.90
C5 NAG D . -4.93 -8.96 32.04
C6 NAG D . -3.54 -9.54 31.77
C7 NAG D . -9.78 -7.74 30.11
C8 NAG D . -9.43 -8.33 28.77
N2 NAG D . -8.87 -7.77 31.10
O3 NAG D . -8.39 -10.43 31.92
O4 NAG D . -5.81 -11.07 32.89
O5 NAG D . -5.16 -7.85 31.15
O6 NAG D . -2.58 -8.92 32.64
O7 NAG D . -10.88 -7.24 30.28
H1 NAG D . -6.64 -6.76 32.11
H2 NAG D . -7.40 -8.82 30.02
H3 NAG D . -7.44 -8.96 33.05
H4 NAG D . -5.92 -10.47 30.89
H5 NAG D . -4.96 -8.59 33.08
H61 NAG D . -3.27 -9.36 30.73
H62 NAG D . -3.54 -10.62 31.94
H81 NAG D . -9.22 -9.37 28.88
H82 NAG D . -10.25 -8.21 28.12
H83 NAG D . -8.58 -7.84 28.37
HN2 NAG D . -9.13 -7.37 32.00
HO3 NAG D . -8.27 -11.10 32.60
HO4 NAG D . -4.95 -11.49 32.76
HO6 NAG D . -1.70 -9.29 32.46
K K E . -7.91 -23.23 15.89
K K F . -11.08 -8.92 -13.92
S SO4 G . -2.75 -0.43 -21.83
O1 SO4 G . -2.25 -1.38 -22.87
O2 SO4 G . -3.44 -1.19 -20.76
O3 SO4 G . -1.61 0.35 -21.32
O4 SO4 G . -3.72 0.48 -22.51
N4 A1IBC H . 16.20 5.94 -0.37
C5 A1IBC H . 16.79 5.29 0.81
C6 A1IBC H . 18.19 4.80 0.57
C7 A1IBC H . 18.85 3.97 1.62
C8 A1IBC H . 19.31 5.37 1.38
C10 A1IBC H . 19.18 7.54 -2.35
C11 A1IBC H . 20.05 7.19 -3.36
C12 A1IBC H . 19.72 6.21 -4.25
C13 A1IBC H . 18.50 5.54 -4.15
C14 A1IBC H . 17.63 5.88 -3.14
O1 A1IBC H . 15.78 8.05 -1.55
S2 A1IBC H . 16.85 7.31 -0.96
O3 A1IBC H . 17.61 7.89 0.11
C9 A1IBC H . 17.96 6.88 -2.25
H15 A1IBC H . 15.83 5.45 -0.96
H16 A1IBC H . 16.23 4.52 1.06
H17 A1IBC H . 16.80 5.92 1.56
H18 A1IBC H . 18.41 4.59 -0.36
H20 A1IBC H . 19.44 3.24 1.31
H19 A1IBC H . 18.36 3.77 2.43
H22 A1IBC H . 20.17 5.50 0.94
H21 A1IBC H . 19.09 6.03 2.06
H23 A1IBC H . 19.40 8.22 -1.73
H24 A1IBC H . 20.89 7.65 -3.43
H25 A1IBC H . 20.32 5.98 -4.96
H26 A1IBC H . 18.28 4.86 -4.77
H27 A1IBC H . 16.79 5.43 -3.07
#